data_5C1S
#
_entry.id   5C1S
#
_cell.length_a   63.679
_cell.length_b   63.679
_cell.length_c   324.674
_cell.angle_alpha   90.00
_cell.angle_beta   90.00
_cell.angle_gamma   120.00
#
_symmetry.space_group_name_H-M   'P 61'
#
loop_
_entity.id
_entity.type
_entity.pdbx_description
1 polymer 'Small GTPase EhRabX3'
2 non-polymer "GUANOSINE-5'-DIPHOSPHATE"
3 water water
#
_entity_poly.entity_id   1
_entity_poly.type   'polypeptide(L)'
_entity_poly.pdbx_seq_one_letter_code
;(MSE)GSSHHHHHHSSGLVPRGSH(MSE)AS(MSE)TGGQQ(MSE)GRGS(MSE)A(MSE)IRPAH(MSE)IRPAHKSLR
TRSQIIGKKEIRLLVVGSSGVGKTTLCDCFFESHQSQGEETREKHVQIDNDFIRISISDIAGQQSFYACDNPYDGYDAIL
V(MSE)YDITELKSFTDLKT(MSE)WLPDIFLYCNIDTQIIIIGNKKDQEIDRIITRKEAEQFAQDRLCQFYEISTKDDS
CQLLFDCISRDFLQCDIKIR(MSE)L(MSE)VGDQNVGKTTFIRKFALQDPTGHDF(MSE)NAITTRFE(MSE)EKIKYE
II(MSE)IDWGFYNKLLQTNPAISRTIEAILIVYDITNEESFQNIHRKYYPLINNKFSDVAGVIVGYKTDLEAQRKIT
(MSE)GDALTLADWLGYKYVE(MSE)SSKDTEDHSSIIKALAHSIRINRLKIEQSYE
;
_entity_poly.pdbx_strand_id   A,B
#
loop_
_chem_comp.id
_chem_comp.type
_chem_comp.name
_chem_comp.formula
GDP RNA linking GUANOSINE-5'-DIPHOSPHATE 'C10 H15 N5 O11 P2'
#
# COMPACT_ATOMS: atom_id res chain seq x y z
N LYS A 61 -1.27 -5.41 0.90
CA LYS A 61 -1.33 -3.97 0.75
C LYS A 61 -2.76 -3.45 0.77
N GLU A 62 -3.01 -2.41 1.58
CA GLU A 62 -4.28 -1.68 1.57
C GLU A 62 -5.48 -2.53 2.02
N ILE A 63 -5.29 -3.38 3.02
CA ILE A 63 -6.33 -4.36 3.33
C ILE A 63 -6.91 -4.20 4.73
N ARG A 64 -8.22 -3.94 4.81
CA ARG A 64 -8.96 -3.83 6.07
C ARG A 64 -10.36 -4.42 5.92
N LEU A 65 -10.81 -5.23 6.86
CA LEU A 65 -12.13 -5.86 6.69
C LEU A 65 -13.14 -5.49 7.77
N LEU A 66 -14.37 -5.99 7.61
CA LEU A 66 -15.43 -5.85 8.59
C LEU A 66 -16.38 -7.03 8.47
N VAL A 67 -16.98 -7.47 9.58
CA VAL A 67 -17.89 -8.61 9.54
C VAL A 67 -19.19 -8.33 10.28
N VAL A 68 -20.31 -8.40 9.55
CA VAL A 68 -21.60 -8.04 10.13
C VAL A 68 -22.52 -9.26 10.23
N GLY A 69 -23.49 -9.16 11.13
CA GLY A 69 -24.46 -10.22 11.32
C GLY A 69 -25.30 -9.99 12.56
N SER A 70 -26.36 -10.77 12.72
CA SER A 70 -27.24 -10.69 13.87
C SER A 70 -26.47 -11.07 15.13
N SER A 71 -27.00 -10.71 16.30
CA SER A 71 -26.36 -11.09 17.55
C SER A 71 -26.36 -12.61 17.74
N GLY A 72 -27.17 -13.31 16.93
CA GLY A 72 -27.17 -14.76 16.93
C GLY A 72 -25.79 -15.27 16.56
N VAL A 73 -25.29 -14.84 15.40
CA VAL A 73 -23.87 -14.91 15.10
C VAL A 73 -23.40 -13.57 14.51
N GLY A 74 -22.59 -12.85 15.29
CA GLY A 74 -21.99 -11.61 14.86
C GLY A 74 -20.63 -12.00 14.33
N LYS A 75 -19.63 -11.13 14.54
CA LYS A 75 -18.27 -11.55 14.24
C LYS A 75 -17.59 -11.95 15.55
N THR A 76 -17.46 -13.25 15.76
CA THR A 76 -16.70 -13.79 16.89
C THR A 76 -15.79 -14.96 16.53
N THR A 77 -16.40 -16.10 16.21
CA THR A 77 -15.70 -17.38 16.10
C THR A 77 -14.54 -17.34 15.12
N LEU A 78 -14.57 -16.37 14.21
CA LEU A 78 -13.48 -16.17 13.27
C LEU A 78 -12.25 -15.56 13.92
N CYS A 79 -12.39 -15.03 15.13
CA CYS A 79 -11.24 -14.60 15.89
C CYS A 79 -10.41 -15.81 16.26
N ASP A 80 -11.07 -16.80 16.85
CA ASP A 80 -10.43 -18.07 17.19
C ASP A 80 -10.13 -18.90 15.94
N CYS A 81 -10.79 -18.56 14.84
CA CYS A 81 -10.59 -19.28 13.59
C CYS A 81 -9.59 -18.56 12.68
N PHE A 82 -9.06 -17.44 13.16
CA PHE A 82 -8.04 -16.72 12.41
C PHE A 82 -6.78 -17.55 12.42
N PHE A 83 -6.32 -17.86 13.63
CA PHE A 83 -5.18 -18.76 13.85
C PHE A 83 -4.03 -18.41 12.91
N GLU A 84 -3.67 -17.13 12.89
CA GLU A 84 -2.79 -16.57 11.86
C GLU A 84 -1.50 -17.36 11.64
N SER A 85 -0.59 -17.27 12.61
CA SER A 85 0.74 -17.88 12.50
C SER A 85 1.42 -17.52 11.18
N ILE A 107 -1.63 -9.93 4.94
CA ILE A 107 -2.70 -9.26 4.19
C ILE A 107 -4.06 -9.57 4.81
N SER A 108 -5.04 -8.72 4.52
CA SER A 108 -6.42 -8.91 5.00
C SER A 108 -6.47 -9.03 6.51
N ILE A 109 -6.26 -7.90 7.21
CA ILE A 109 -5.88 -7.91 8.63
C ILE A 109 -6.74 -8.81 9.51
N SER A 110 -7.95 -8.37 9.88
CA SER A 110 -8.88 -9.18 10.69
C SER A 110 -10.14 -8.47 11.16
N ASP A 111 -11.12 -9.29 11.54
CA ASP A 111 -12.11 -9.00 12.59
C ASP A 111 -12.74 -7.61 12.61
N ILE A 112 -12.54 -6.93 13.75
CA ILE A 112 -13.22 -5.68 14.11
C ILE A 112 -14.74 -5.86 14.19
N ALA A 113 -15.48 -4.91 13.62
CA ALA A 113 -16.95 -4.85 13.66
C ALA A 113 -17.49 -4.57 15.07
N GLY A 114 -16.60 -4.47 16.05
CA GLY A 114 -16.99 -4.29 17.43
C GLY A 114 -15.97 -3.39 18.10
N GLN A 115 -16.23 -3.00 19.34
CA GLN A 115 -15.53 -1.85 19.93
C GLN A 115 -15.61 -0.65 18.99
N GLN A 116 -14.46 -0.02 18.77
CA GLN A 116 -14.35 1.23 18.02
C GLN A 116 -15.34 2.25 18.57
N SER A 117 -15.94 3.06 17.70
CA SER A 117 -17.08 3.92 18.06
C SER A 117 -17.61 4.80 16.92
N PHE A 118 -18.88 5.16 17.05
CA PHE A 118 -19.45 6.45 16.65
C PHE A 118 -19.05 7.09 15.31
N TYR A 119 -19.13 6.36 14.20
CA TYR A 119 -18.84 6.96 12.90
C TYR A 119 -17.44 7.58 12.89
N ALA A 120 -16.46 6.78 13.27
CA ALA A 120 -15.06 7.14 13.16
C ALA A 120 -14.37 6.02 12.40
N CYS A 121 -14.39 4.83 13.00
CA CYS A 121 -13.89 3.63 12.36
C CYS A 121 -14.97 2.99 11.49
N ASP A 122 -16.22 3.41 11.68
CA ASP A 122 -17.35 2.80 10.97
C ASP A 122 -17.35 3.16 9.49
N ASN A 123 -17.32 4.45 9.19
CA ASN A 123 -17.48 4.88 7.80
C ASN A 123 -16.10 4.95 7.17
N PRO A 124 -15.07 4.76 7.99
CA PRO A 124 -13.72 4.50 7.51
C PRO A 124 -13.67 3.07 6.96
N TYR A 125 -14.35 2.16 7.64
CA TYR A 125 -14.55 0.79 7.16
C TYR A 125 -15.43 0.82 5.92
N ASP A 126 -16.13 1.94 5.74
CA ASP A 126 -16.90 2.19 4.53
C ASP A 126 -15.98 2.83 3.50
N GLY A 127 -14.68 2.90 3.82
CA GLY A 127 -13.69 3.31 2.86
C GLY A 127 -12.85 2.17 2.27
N TYR A 128 -12.87 1.01 2.90
CA TYR A 128 -11.96 -0.08 2.50
C TYR A 128 -12.66 -1.41 2.18
N ASP A 129 -12.60 -1.79 0.91
CA ASP A 129 -13.00 -3.11 0.38
C ASP A 129 -14.31 -3.68 0.94
N ALA A 130 -14.28 -4.94 1.34
CA ALA A 130 -15.52 -5.70 1.56
C ALA A 130 -15.91 -5.89 3.03
N ILE A 131 -17.05 -6.55 3.21
CA ILE A 131 -17.60 -6.86 4.53
C ILE A 131 -18.35 -8.20 4.45
N LEU A 132 -18.35 -8.94 5.55
CA LEU A 132 -18.88 -10.30 5.54
C LEU A 132 -20.21 -10.43 6.29
N VAL A 133 -21.22 -10.97 5.62
CA VAL A 133 -22.52 -11.20 6.25
C VAL A 133 -22.64 -12.66 6.66
N MSE A 134 -22.62 -12.89 7.97
CA MSE A 134 -22.68 -14.25 8.50
C MSE A 134 -24.03 -14.52 9.13
O MSE A 134 -24.57 -13.67 9.84
CB MSE A 134 -21.56 -14.48 9.52
CG MSE A 134 -20.17 -14.24 8.98
SE MSE A 134 -18.80 -15.15 10.02
CE MSE A 134 -19.26 -16.99 9.56
N TYR A 135 -24.58 -15.69 8.86
CA TYR A 135 -25.82 -16.12 9.49
C TYR A 135 -25.78 -17.60 9.79
N ASP A 136 -26.22 -17.97 10.99
CA ASP A 136 -26.29 -19.38 11.34
C ASP A 136 -27.48 -19.97 10.61
N ILE A 137 -27.22 -21.01 9.82
CA ILE A 137 -28.22 -21.55 8.91
C ILE A 137 -29.43 -22.14 9.63
N THR A 138 -29.18 -22.87 10.72
CA THR A 138 -30.23 -23.63 11.41
C THR A 138 -31.34 -22.77 12.00
N GLU A 139 -31.14 -21.46 12.04
CA GLU A 139 -32.15 -20.54 12.57
C GLU A 139 -32.49 -19.44 11.55
N LEU A 140 -33.79 -19.19 11.37
CA LEU A 140 -34.29 -18.37 10.27
C LEU A 140 -34.17 -16.87 10.50
N LYS A 141 -34.50 -16.42 11.71
CA LYS A 141 -34.52 -14.99 12.03
C LYS A 141 -33.20 -14.31 11.67
N SER A 142 -32.11 -15.07 11.71
CA SER A 142 -30.82 -14.63 11.20
C SER A 142 -30.95 -14.11 9.77
N PHE A 143 -31.49 -14.96 8.90
CA PHE A 143 -31.67 -14.61 7.49
C PHE A 143 -32.74 -13.53 7.31
N THR A 144 -33.84 -13.68 8.04
CA THR A 144 -34.96 -12.75 7.98
C THR A 144 -34.53 -11.32 8.25
N ASP A 145 -33.81 -11.11 9.35
CA ASP A 145 -33.33 -9.76 9.69
C ASP A 145 -31.96 -9.49 9.09
N LEU A 146 -31.45 -10.44 8.31
CA LEU A 146 -30.35 -10.12 7.43
C LEU A 146 -30.93 -9.33 6.27
N LYS A 147 -32.09 -9.76 5.79
CA LYS A 147 -32.77 -9.08 4.70
C LYS A 147 -33.37 -7.73 5.10
N THR A 148 -34.23 -7.72 6.11
CA THR A 148 -34.96 -6.51 6.46
C THR A 148 -34.16 -5.51 7.29
N MSE A 149 -33.24 -6.00 8.12
CA MSE A 149 -32.55 -5.15 9.06
C MSE A 149 -31.14 -4.79 8.61
O MSE A 149 -30.82 -3.61 8.42
CB MSE A 149 -32.50 -5.81 10.43
N TRP A 150 -30.28 -5.80 8.43
CA TRP A 150 -28.85 -5.55 8.23
C TRP A 150 -28.44 -4.87 6.93
N LEU A 151 -28.97 -5.33 5.80
CA LEU A 151 -28.47 -4.84 4.53
C LEU A 151 -28.57 -3.31 4.35
N PRO A 152 -29.79 -2.73 4.46
CA PRO A 152 -29.92 -1.37 3.90
C PRO A 152 -29.10 -0.30 4.61
N ASP A 153 -28.88 -0.46 5.90
CA ASP A 153 -28.09 0.50 6.67
C ASP A 153 -26.69 0.67 6.11
N ILE A 154 -25.89 -0.40 6.16
CA ILE A 154 -24.48 -0.31 5.83
C ILE A 154 -24.21 -0.67 4.37
N PHE A 155 -25.26 -0.97 3.61
CA PHE A 155 -25.10 -1.23 2.18
C PHE A 155 -24.83 0.06 1.41
N LEU A 156 -25.69 1.05 1.61
CA LEU A 156 -25.58 2.33 0.90
C LEU A 156 -24.52 3.22 1.56
N TYR A 157 -24.05 2.80 2.73
CA TYR A 157 -23.01 3.52 3.45
C TYR A 157 -21.63 3.23 2.87
N CYS A 158 -21.39 1.98 2.51
CA CYS A 158 -20.10 1.54 1.98
C CYS A 158 -19.87 2.10 0.58
N ASN A 159 -18.63 2.06 0.10
CA ASN A 159 -18.30 2.63 -1.20
C ASN A 159 -18.91 1.83 -2.34
N ILE A 160 -18.56 2.23 -3.56
CA ILE A 160 -19.12 1.63 -4.76
C ILE A 160 -18.59 0.23 -5.05
N ASP A 161 -17.32 -0.04 -4.73
CA ASP A 161 -16.73 -1.32 -5.11
C ASP A 161 -17.14 -2.41 -4.14
N THR A 162 -16.46 -2.51 -3.00
CA THR A 162 -17.09 -2.87 -1.73
C THR A 162 -18.15 -3.96 -1.81
N GLN A 163 -19.37 -3.54 -1.49
CA GLN A 163 -20.53 -4.39 -1.32
C GLN A 163 -20.25 -5.39 -0.22
N ILE A 164 -20.69 -6.63 -0.40
CA ILE A 164 -20.62 -7.60 0.68
C ILE A 164 -20.56 -9.03 0.19
N ILE A 165 -20.05 -9.91 1.04
CA ILE A 165 -20.09 -11.34 0.82
C ILE A 165 -20.99 -11.97 1.87
N ILE A 166 -21.97 -12.74 1.42
CA ILE A 166 -22.93 -13.35 2.33
C ILE A 166 -22.53 -14.79 2.64
N ILE A 167 -22.46 -15.11 3.93
CA ILE A 167 -21.98 -16.40 4.37
C ILE A 167 -22.92 -17.08 5.35
N GLY A 168 -23.33 -18.30 5.03
CA GLY A 168 -24.02 -19.12 6.01
C GLY A 168 -23.00 -19.81 6.90
N ASN A 169 -23.30 -19.92 8.18
CA ASN A 169 -22.42 -20.59 9.12
C ASN A 169 -22.87 -22.02 9.36
N LYS A 170 -22.26 -22.69 10.34
CA LYS A 170 -22.52 -24.09 10.60
C LYS A 170 -22.26 -24.90 9.33
N LYS A 171 -23.31 -25.51 8.78
CA LYS A 171 -23.27 -26.16 7.47
C LYS A 171 -22.37 -27.38 7.42
N ASP A 172 -21.57 -27.59 8.47
CA ASP A 172 -20.84 -28.84 8.63
C ASP A 172 -21.82 -29.87 9.18
N GLN A 173 -22.71 -29.40 10.05
CA GLN A 173 -23.80 -30.22 10.53
C GLN A 173 -24.68 -30.59 9.36
N GLU A 174 -25.23 -29.57 8.68
CA GLU A 174 -25.94 -29.75 7.42
C GLU A 174 -27.28 -30.49 7.58
N ILE A 175 -27.47 -31.09 8.75
CA ILE A 175 -28.68 -31.84 9.06
C ILE A 175 -29.79 -30.89 9.52
N ASP A 176 -29.54 -30.24 10.65
CA ASP A 176 -30.49 -29.32 11.27
C ASP A 176 -30.66 -28.04 10.47
N ARG A 177 -29.88 -27.92 9.40
CA ARG A 177 -29.92 -26.75 8.53
C ARG A 177 -31.34 -26.50 8.01
N ILE A 178 -31.85 -25.30 8.29
CA ILE A 178 -33.18 -24.93 7.83
C ILE A 178 -33.17 -24.05 6.59
N ILE A 179 -31.99 -23.66 6.12
CA ILE A 179 -31.91 -22.76 4.98
C ILE A 179 -31.18 -23.41 3.82
N THR A 180 -31.92 -23.71 2.76
CA THR A 180 -31.30 -24.13 1.51
C THR A 180 -30.57 -22.94 0.94
N ARG A 181 -29.35 -23.17 0.44
CA ARG A 181 -28.53 -22.06 -0.05
C ARG A 181 -29.00 -21.53 -1.39
N LYS A 182 -29.96 -22.22 -2.00
CA LYS A 182 -30.44 -21.84 -3.32
C LYS A 182 -31.24 -20.55 -3.27
N GLU A 183 -32.21 -20.49 -2.35
CA GLU A 183 -32.99 -19.28 -2.13
C GLU A 183 -32.09 -18.12 -1.68
N ALA A 184 -31.13 -18.42 -0.80
CA ALA A 184 -30.18 -17.43 -0.30
C ALA A 184 -29.35 -16.83 -1.44
N GLU A 185 -28.69 -17.71 -2.20
CA GLU A 185 -27.82 -17.29 -3.30
C GLU A 185 -28.59 -16.58 -4.40
N GLN A 186 -29.84 -16.98 -4.61
CA GLN A 186 -30.66 -16.34 -5.63
C GLN A 186 -31.05 -14.94 -5.18
N PHE A 187 -31.41 -14.80 -3.91
CA PHE A 187 -31.67 -13.47 -3.35
C PHE A 187 -30.42 -12.61 -3.44
N ALA A 188 -29.25 -13.23 -3.25
CA ALA A 188 -27.98 -12.52 -3.26
C ALA A 188 -27.59 -12.00 -4.65
N GLN A 189 -27.61 -12.89 -5.64
CA GLN A 189 -27.22 -12.52 -6.99
C GLN A 189 -28.28 -11.65 -7.66
N ASP A 190 -29.51 -11.69 -7.13
CA ASP A 190 -30.56 -10.78 -7.57
C ASP A 190 -30.53 -9.51 -6.73
N ARG A 191 -29.73 -9.53 -5.68
CA ARG A 191 -29.29 -8.30 -5.01
C ARG A 191 -27.92 -7.92 -5.57
N LEU A 192 -27.47 -8.71 -6.53
CA LEU A 192 -26.17 -8.56 -7.20
C LEU A 192 -25.01 -8.87 -6.25
N CYS A 193 -25.35 -9.13 -5.00
CA CYS A 193 -24.37 -9.46 -3.99
C CYS A 193 -23.91 -10.90 -4.11
N GLN A 194 -22.71 -11.19 -3.62
CA GLN A 194 -22.15 -12.53 -3.72
C GLN A 194 -22.78 -13.45 -2.68
N PHE A 195 -22.39 -14.73 -2.71
CA PHE A 195 -22.85 -15.69 -1.72
C PHE A 195 -21.87 -16.86 -1.53
N TYR A 196 -21.78 -17.36 -0.30
CA TYR A 196 -21.12 -18.64 -0.02
C TYR A 196 -21.58 -19.26 1.30
N GLU A 197 -21.36 -20.56 1.46
CA GLU A 197 -21.55 -21.22 2.75
C GLU A 197 -20.26 -21.83 3.24
N ILE A 198 -20.17 -22.03 4.55
CA ILE A 198 -18.90 -22.35 5.19
C ILE A 198 -19.00 -23.37 6.32
N SER A 199 -18.06 -24.31 6.32
CA SER A 199 -17.78 -25.12 7.50
C SER A 199 -16.54 -24.53 8.17
N THR A 200 -16.72 -23.91 9.33
CA THR A 200 -15.59 -23.27 10.01
C THR A 200 -14.94 -24.21 11.02
N LYS A 201 -15.45 -25.44 11.09
CA LYS A 201 -14.83 -26.47 11.92
C LYS A 201 -13.53 -26.92 11.27
N ASP A 202 -13.58 -27.12 9.96
CA ASP A 202 -12.39 -27.48 9.17
C ASP A 202 -12.63 -27.12 7.71
N ASP A 203 -11.57 -27.08 6.91
CA ASP A 203 -11.70 -26.86 5.47
C ASP A 203 -12.37 -25.52 5.12
N SER A 204 -13.57 -25.64 4.54
CA SER A 204 -14.18 -24.60 3.71
C SER A 204 -14.08 -23.17 4.23
N CYS A 205 -14.06 -23.00 5.55
CA CYS A 205 -13.85 -21.68 6.14
C CYS A 205 -12.69 -20.96 5.48
N GLN A 206 -11.49 -21.52 5.64
CA GLN A 206 -10.29 -20.95 5.04
C GLN A 206 -10.47 -20.84 3.53
N LEU A 207 -11.16 -21.81 2.96
CA LEU A 207 -11.37 -21.89 1.51
C LEU A 207 -12.21 -20.72 1.00
N LEU A 208 -12.83 -19.98 1.92
CA LEU A 208 -13.51 -18.75 1.53
C LEU A 208 -12.50 -17.61 1.31
N PHE A 209 -11.56 -17.48 2.24
CA PHE A 209 -10.67 -16.31 2.28
C PHE A 209 -9.92 -16.07 0.97
N ASP A 210 -9.31 -17.11 0.42
CA ASP A 210 -8.63 -16.99 -0.87
C ASP A 210 -9.63 -16.54 -1.93
N CYS A 211 -10.79 -17.18 -1.95
CA CYS A 211 -11.85 -16.86 -2.92
C CYS A 211 -12.29 -15.40 -2.77
N ILE A 212 -11.90 -14.78 -1.66
CA ILE A 212 -12.01 -13.33 -1.51
C ILE A 212 -10.75 -12.68 -2.06
N SER A 213 -9.63 -12.97 -1.39
CA SER A 213 -8.35 -12.31 -1.65
C SER A 213 -7.95 -12.39 -3.13
N ARG A 214 -8.24 -13.52 -3.74
CA ARG A 214 -8.01 -13.70 -5.18
C ARG A 214 -8.58 -12.52 -5.95
N ASP A 215 -9.89 -12.33 -5.85
CA ASP A 215 -10.56 -11.21 -6.51
C ASP A 215 -9.96 -9.88 -6.08
N PHE A 216 -9.54 -9.82 -4.81
CA PHE A 216 -8.91 -8.62 -4.28
C PHE A 216 -7.51 -8.45 -4.89
N LEU A 217 -6.78 -9.54 -5.03
CA LEU A 217 -5.44 -9.48 -5.61
C LEU A 217 -5.47 -9.43 -7.13
N GLN A 218 -6.40 -10.18 -7.73
CA GLN A 218 -6.52 -10.20 -9.18
C GLN A 218 -7.10 -8.89 -9.72
N CYS A 219 -8.01 -8.30 -8.96
CA CYS A 219 -8.64 -7.04 -9.34
C CYS A 219 -8.34 -5.92 -8.35
N ASP A 220 -7.71 -4.85 -8.84
CA ASP A 220 -7.45 -3.69 -8.02
C ASP A 220 -8.71 -2.85 -7.82
N ILE A 221 -9.41 -2.58 -8.92
CA ILE A 221 -10.63 -1.77 -8.86
C ILE A 221 -11.74 -2.31 -9.75
N LYS A 222 -12.94 -2.44 -9.19
CA LYS A 222 -14.11 -2.87 -9.94
C LYS A 222 -15.06 -1.70 -10.20
N ILE A 223 -15.72 -1.72 -11.35
CA ILE A 223 -16.70 -0.70 -11.70
C ILE A 223 -18.02 -1.38 -12.09
N ARG A 224 -19.14 -0.76 -11.73
CA ARG A 224 -20.45 -1.29 -12.09
C ARG A 224 -21.13 -0.33 -13.06
N MSE A 225 -21.73 -0.89 -14.11
CA MSE A 225 -22.33 -0.07 -15.15
C MSE A 225 -23.58 -0.68 -15.76
O MSE A 225 -23.69 -1.90 -15.85
CB MSE A 225 -21.31 0.21 -16.24
N LEU A 226 -24.51 0.17 -16.17
CA LEU A 226 -25.78 -0.32 -16.73
C LEU A 226 -25.77 -0.31 -18.26
N MSE A 227 -26.41 -1.30 -18.87
CA MSE A 227 -26.66 -1.27 -20.30
C MSE A 227 -28.16 -1.18 -20.54
O MSE A 227 -28.89 -2.15 -20.31
CB MSE A 227 -26.09 -2.51 -20.99
CG MSE A 227 -24.60 -2.71 -20.81
SE MSE A 227 -24.02 -4.11 -21.77
CE MSE A 227 -25.16 -5.38 -21.23
N VAL A 228 -28.62 -0.03 -21.01
CA VAL A 228 -30.03 0.13 -21.30
C VAL A 228 -30.21 0.01 -22.82
N GLY A 229 -31.45 -0.07 -23.28
CA GLY A 229 -31.73 -0.23 -24.69
C GLY A 229 -32.93 -1.13 -24.86
N ASP A 230 -33.11 -1.64 -26.08
CA ASP A 230 -34.08 -2.70 -26.34
C ASP A 230 -33.80 -3.41 -27.65
N GLN A 231 -34.59 -4.45 -27.91
CA GLN A 231 -34.67 -5.13 -29.20
C GLN A 231 -33.34 -5.57 -29.82
N ASN A 232 -33.24 -5.36 -31.13
CA ASN A 232 -32.21 -5.96 -31.98
C ASN A 232 -30.78 -5.55 -31.67
N VAL A 233 -30.52 -4.24 -31.63
CA VAL A 233 -29.16 -3.74 -31.46
C VAL A 233 -28.60 -4.06 -30.06
N GLY A 234 -29.46 -3.98 -29.05
CA GLY A 234 -29.10 -4.41 -27.72
C GLY A 234 -28.80 -5.89 -27.73
N LYS A 235 -29.62 -6.64 -28.46
CA LYS A 235 -29.39 -8.06 -28.68
C LYS A 235 -28.04 -8.37 -29.34
N THR A 236 -27.56 -7.43 -30.17
CA THR A 236 -26.29 -7.62 -30.86
C THR A 236 -25.14 -7.47 -29.88
N THR A 237 -24.96 -6.26 -29.35
CA THR A 237 -23.89 -5.98 -28.41
C THR A 237 -24.32 -6.32 -26.98
N LYS A 241 -19.32 -8.98 -27.01
CA LYS A 241 -18.93 -8.66 -25.65
C LYS A 241 -17.77 -9.54 -25.19
N PHE A 242 -17.97 -10.24 -24.08
CA PHE A 242 -17.01 -11.24 -23.62
C PHE A 242 -17.41 -12.56 -24.26
N ALA A 243 -18.45 -12.49 -25.10
CA ALA A 243 -19.06 -13.60 -25.83
C ALA A 243 -19.97 -14.45 -24.95
N LEU A 244 -20.07 -14.08 -23.67
CA LEU A 244 -20.88 -14.80 -22.70
C LEU A 244 -22.34 -14.90 -23.13
N GLN A 245 -22.98 -16.00 -22.73
CA GLN A 245 -24.38 -16.27 -23.05
C GLN A 245 -24.65 -16.33 -24.56
N ASP A 246 -25.67 -15.61 -24.98
CA ASP A 246 -26.16 -15.59 -26.36
C ASP A 246 -27.29 -14.60 -26.41
N PRO A 247 -27.85 -14.34 -27.58
CA PRO A 247 -29.04 -13.48 -27.66
C PRO A 247 -30.14 -14.06 -26.79
N THR A 248 -30.01 -15.34 -26.49
CA THR A 248 -30.74 -15.89 -25.36
C THR A 248 -29.77 -15.99 -24.21
N GLY A 249 -29.87 -15.03 -23.30
CA GLY A 249 -29.04 -15.02 -22.11
C GLY A 249 -29.81 -15.83 -21.09
N HIS A 250 -29.65 -15.47 -19.83
CA HIS A 250 -30.32 -16.22 -18.79
C HIS A 250 -31.56 -15.47 -18.32
N ASP A 251 -32.67 -16.20 -18.25
CA ASP A 251 -33.98 -15.63 -18.53
C ASP A 251 -34.31 -14.37 -17.72
N PHE A 252 -34.57 -13.30 -18.46
CA PHE A 252 -35.10 -12.03 -17.98
C PHE A 252 -34.18 -11.25 -17.04
N MSE A 253 -33.19 -11.93 -16.46
CA MSE A 253 -32.22 -11.26 -15.61
C MSE A 253 -30.87 -11.98 -15.54
O MSE A 253 -30.84 -13.22 -15.46
CB MSE A 253 -32.79 -11.09 -14.21
N ASN A 254 -29.80 -11.20 -15.54
CA ASN A 254 -28.48 -11.68 -15.11
C ASN A 254 -27.50 -10.51 -15.07
N ALA A 255 -26.24 -10.82 -14.74
CA ALA A 255 -25.17 -9.83 -14.83
C ALA A 255 -24.04 -10.43 -15.65
N ILE A 256 -23.25 -9.58 -16.32
CA ILE A 256 -22.13 -10.09 -17.10
C ILE A 256 -20.81 -9.46 -16.64
N THR A 257 -19.85 -10.33 -16.31
CA THR A 257 -18.53 -9.88 -15.88
C THR A 257 -17.53 -10.12 -17.02
N THR A 258 -16.59 -9.19 -17.19
CA THR A 258 -15.61 -9.30 -18.25
C THR A 258 -14.19 -9.16 -17.70
N ARG A 259 -13.34 -10.10 -18.08
CA ARG A 259 -11.93 -10.07 -17.72
C ARG A 259 -11.13 -9.07 -18.56
N PHE A 260 -9.95 -8.73 -18.06
CA PHE A 260 -9.00 -7.78 -18.65
C PHE A 260 -9.52 -6.35 -18.84
N GLU A 261 -9.02 -5.67 -19.87
CA GLU A 261 -9.13 -4.22 -19.95
C GLU A 261 -10.53 -3.77 -20.30
N GLU A 263 -2.33 -0.26 -18.57
CA GLU A 263 -1.27 0.25 -17.72
C GLU A 263 -1.12 -0.58 -16.45
N LYS A 264 -1.09 -1.90 -16.61
CA LYS A 264 -0.85 -2.84 -15.51
C LYS A 264 -1.77 -2.60 -14.31
N ILE A 265 -3.02 -2.23 -14.57
CA ILE A 265 -3.95 -1.86 -13.53
C ILE A 265 -4.47 -3.07 -12.77
N LYS A 266 -4.87 -4.10 -13.52
CA LYS A 266 -5.58 -5.25 -12.98
C LYS A 266 -6.84 -4.77 -12.28
N TYR A 267 -7.76 -4.23 -13.08
CA TYR A 267 -9.04 -3.74 -12.60
C TYR A 267 -10.15 -4.60 -13.16
N GLU A 268 -11.41 -4.24 -12.88
CA GLU A 268 -12.53 -5.02 -13.40
C GLU A 268 -13.76 -4.15 -13.66
N ILE A 269 -14.70 -4.70 -14.43
CA ILE A 269 -15.94 -3.99 -14.74
C ILE A 269 -17.07 -5.00 -14.97
N ILE A 270 -18.29 -4.60 -14.61
CA ILE A 270 -19.45 -5.46 -14.77
C ILE A 270 -20.57 -4.73 -15.50
N MSE A 271 -21.16 -5.40 -16.49
CA MSE A 271 -22.27 -4.83 -17.24
C MSE A 271 -23.59 -5.49 -16.84
O MSE A 271 -23.62 -6.67 -16.49
CB MSE A 271 -22.03 -4.98 -18.75
CG MSE A 271 -20.80 -4.22 -19.25
SE MSE A 271 -19.64 -5.30 -20.39
CE MSE A 271 -20.80 -5.52 -21.93
N ILE A 272 -24.67 -4.70 -16.87
CA ILE A 272 -25.93 -5.13 -16.29
C ILE A 272 -27.12 -4.95 -17.24
N ASP A 273 -28.07 -5.88 -17.18
CA ASP A 273 -29.33 -5.80 -17.90
C ASP A 273 -30.14 -4.56 -17.49
N TRP A 274 -30.89 -4.03 -18.45
CA TRP A 274 -31.79 -2.89 -18.22
C TRP A 274 -32.83 -3.17 -17.13
N GLY A 275 -33.73 -4.12 -17.40
CA GLY A 275 -34.80 -4.44 -16.46
C GLY A 275 -34.31 -4.95 -15.12
N PHE A 276 -33.07 -5.43 -15.09
CA PHE A 276 -32.45 -5.91 -13.85
C PHE A 276 -32.24 -4.75 -12.89
N TYR A 277 -31.93 -3.58 -13.43
CA TYR A 277 -31.79 -2.37 -12.63
C TYR A 277 -33.08 -2.10 -11.84
N ASN A 278 -34.21 -2.21 -12.53
CA ASN A 278 -35.52 -2.08 -11.91
C ASN A 278 -35.87 -3.28 -11.04
N LYS A 279 -35.18 -4.40 -11.27
CA LYS A 279 -35.48 -5.65 -10.58
C LYS A 279 -34.89 -5.72 -9.17
N LEU A 280 -33.68 -5.18 -9.00
CA LEU A 280 -33.03 -5.21 -7.69
C LEU A 280 -33.37 -4.03 -6.79
N LEU A 281 -34.16 -3.09 -7.30
CA LEU A 281 -34.71 -2.05 -6.43
C LEU A 281 -36.12 -2.44 -5.98
N GLN A 282 -36.52 -3.65 -6.38
CA GLN A 282 -37.52 -4.40 -5.62
C GLN A 282 -36.87 -4.69 -4.28
N THR A 283 -35.56 -4.83 -4.29
CA THR A 283 -34.76 -5.00 -3.08
C THR A 283 -34.17 -3.65 -2.65
N ASN A 284 -33.18 -3.17 -3.39
CA ASN A 284 -32.53 -1.91 -3.05
C ASN A 284 -32.69 -0.80 -4.09
N PRO A 285 -33.54 0.20 -3.79
CA PRO A 285 -33.65 1.46 -4.55
C PRO A 285 -32.47 2.38 -4.26
N ALA A 286 -32.30 3.42 -5.09
CA ALA A 286 -31.20 4.37 -4.94
C ALA A 286 -29.85 3.66 -5.06
N ILE A 287 -29.84 2.54 -5.78
CA ILE A 287 -28.63 1.78 -6.03
C ILE A 287 -27.86 2.41 -7.19
N SER A 288 -28.45 3.46 -7.76
CA SER A 288 -27.84 4.18 -8.87
C SER A 288 -26.55 4.88 -8.47
N ARG A 289 -26.27 4.90 -7.17
CA ARG A 289 -24.99 5.38 -6.68
C ARG A 289 -23.90 4.39 -7.08
N THR A 290 -24.27 3.11 -7.16
CA THR A 290 -23.32 2.04 -7.43
C THR A 290 -22.93 1.95 -8.91
N ILE A 291 -23.73 2.51 -9.79
CA ILE A 291 -23.41 2.49 -11.21
C ILE A 291 -22.64 3.77 -11.57
N GLU A 292 -21.37 3.60 -11.93
CA GLU A 292 -20.51 4.74 -12.22
C GLU A 292 -20.62 5.14 -13.69
N ALA A 293 -21.24 4.27 -14.49
CA ALA A 293 -21.39 4.54 -15.91
C ALA A 293 -22.64 3.89 -16.53
N ILE A 294 -23.15 4.53 -17.57
CA ILE A 294 -24.30 4.04 -18.30
C ILE A 294 -23.94 3.81 -19.76
N LEU A 295 -24.70 2.92 -20.40
CA LEU A 295 -24.51 2.60 -21.81
C LEU A 295 -25.85 2.36 -22.47
N ILE A 296 -26.04 2.95 -23.64
CA ILE A 296 -27.33 2.89 -24.34
C ILE A 296 -27.11 2.34 -25.75
N VAL A 297 -28.14 1.71 -26.31
CA VAL A 297 -28.07 1.14 -27.65
C VAL A 297 -29.21 1.67 -28.51
N TYR A 298 -28.95 1.80 -29.81
CA TYR A 298 -29.89 2.43 -30.72
C TYR A 298 -29.99 1.69 -32.06
N ASP A 299 -31.22 1.54 -32.53
CA ASP A 299 -31.50 0.93 -33.84
C ASP A 299 -32.21 1.92 -34.74
N ILE A 300 -32.60 1.47 -35.93
CA ILE A 300 -33.19 2.33 -36.96
C ILE A 300 -34.41 3.10 -36.44
N THR A 301 -35.14 2.53 -35.48
CA THR A 301 -36.17 3.29 -34.79
C THR A 301 -36.06 3.23 -33.26
N ASN A 302 -35.60 4.32 -32.65
CA ASN A 302 -35.60 4.48 -31.19
C ASN A 302 -35.88 5.93 -30.77
N GLU A 303 -36.89 6.14 -29.94
CA GLU A 303 -37.15 7.47 -29.41
C GLU A 303 -36.23 7.76 -28.21
N GLU A 304 -36.09 6.77 -27.34
CA GLU A 304 -35.13 6.78 -26.23
C GLU A 304 -35.23 8.00 -25.31
N SER A 305 -36.43 8.58 -25.22
CA SER A 305 -36.68 9.73 -24.34
C SER A 305 -37.22 9.27 -23.00
N PHE A 306 -37.30 7.94 -22.84
CA PHE A 306 -38.06 7.30 -21.78
C PHE A 306 -37.17 6.63 -20.75
N GLN A 307 -36.35 5.68 -21.19
CA GLN A 307 -35.40 5.02 -20.29
C GLN A 307 -34.49 6.02 -19.59
N ASN A 308 -34.43 7.23 -20.12
CA ASN A 308 -33.54 8.27 -19.62
C ASN A 308 -34.14 9.13 -18.50
N ILE A 309 -35.35 8.80 -18.04
CA ILE A 309 -36.00 9.59 -16.98
C ILE A 309 -35.11 9.69 -15.74
N HIS A 310 -34.97 8.58 -15.02
CA HIS A 310 -34.06 8.51 -13.89
C HIS A 310 -32.71 7.91 -14.26
N ARG A 311 -32.50 7.65 -15.54
CA ARG A 311 -31.14 7.51 -16.04
C ARG A 311 -30.52 8.90 -15.99
N LYS A 312 -31.39 9.91 -16.04
CA LYS A 312 -31.00 11.29 -15.80
C LYS A 312 -31.05 11.62 -14.31
N TYR A 313 -32.24 11.49 -13.72
CA TYR A 313 -32.50 11.98 -12.36
C TYR A 313 -31.67 11.29 -11.29
N TYR A 314 -31.66 9.96 -11.27
CA TYR A 314 -30.94 9.22 -10.23
C TYR A 314 -29.41 9.44 -10.27
N PRO A 315 -28.73 9.10 -11.38
CA PRO A 315 -27.27 9.26 -11.34
C PRO A 315 -26.81 10.72 -11.41
N LEU A 316 -27.61 11.58 -12.02
CA LEU A 316 -27.29 13.01 -12.21
C LEU A 316 -26.03 13.20 -13.05
N ILE A 317 -25.05 13.92 -12.49
CA ILE A 317 -23.79 14.20 -13.20
C ILE A 317 -23.02 12.93 -13.58
N ASN A 318 -22.39 12.28 -12.59
CA ASN A 318 -21.65 11.01 -12.75
C ASN A 318 -20.81 10.92 -14.02
N ASN A 319 -20.93 9.78 -14.71
CA ASN A 319 -20.36 9.57 -16.03
C ASN A 319 -21.38 8.85 -16.90
N LYS A 320 -21.38 9.14 -18.20
CA LYS A 320 -22.37 8.56 -19.10
C LYS A 320 -21.85 8.39 -20.52
N PHE A 321 -22.40 7.42 -21.24
CA PHE A 321 -22.08 7.21 -22.64
C PHE A 321 -23.24 6.60 -23.43
N SER A 322 -23.43 7.06 -24.66
CA SER A 322 -24.34 6.42 -25.61
C SER A 322 -23.58 6.00 -26.87
N ASP A 323 -23.39 4.69 -27.04
CA ASP A 323 -22.66 4.17 -28.20
C ASP A 323 -23.60 3.39 -29.12
N VAL A 324 -23.87 3.98 -30.29
CA VAL A 324 -24.77 3.38 -31.26
C VAL A 324 -24.77 4.14 -32.58
N VAL A 329 -20.68 3.46 -42.09
CA VAL A 329 -21.55 2.72 -41.19
C VAL A 329 -22.88 3.39 -41.30
N GLY A 330 -22.83 4.68 -41.59
CA GLY A 330 -24.00 5.54 -41.76
C GLY A 330 -24.87 5.68 -40.52
N TYR A 331 -24.31 6.36 -39.52
CA TYR A 331 -25.08 6.72 -38.33
C TYR A 331 -26.04 7.82 -38.72
N LYS A 332 -26.68 8.40 -37.72
CA LYS A 332 -27.64 9.42 -38.03
C LYS A 332 -27.44 10.58 -37.04
N THR A 333 -26.97 11.70 -37.60
CA THR A 333 -26.20 12.70 -36.87
C THR A 333 -27.00 13.87 -36.32
N ASP A 334 -28.28 13.95 -36.70
CA ASP A 334 -29.16 14.96 -36.15
C ASP A 334 -29.19 14.71 -34.66
N LEU A 335 -29.60 13.49 -34.35
CA LEU A 335 -29.61 12.94 -33.01
C LEU A 335 -28.29 13.14 -32.25
N GLU A 336 -27.18 12.95 -32.95
CA GLU A 336 -25.87 13.20 -32.35
C GLU A 336 -25.75 14.65 -31.89
N ALA A 337 -25.97 15.58 -32.82
CA ALA A 337 -25.93 17.00 -32.51
C ALA A 337 -27.07 17.39 -31.57
N GLN A 338 -28.26 16.87 -31.84
CA GLN A 338 -29.46 17.25 -31.11
C GLN A 338 -29.77 16.36 -29.89
N ARG A 339 -30.05 15.09 -30.15
CA ARG A 339 -30.68 14.22 -29.15
C ARG A 339 -29.86 14.00 -27.89
N LYS A 340 -28.62 14.50 -27.85
CA LYS A 340 -27.98 14.58 -26.56
C LYS A 340 -28.10 16.01 -26.04
N ILE A 341 -29.12 16.21 -25.21
CA ILE A 341 -29.19 17.34 -24.29
C ILE A 341 -28.79 16.77 -22.95
N THR A 342 -28.60 15.45 -22.96
CA THR A 342 -28.21 14.68 -21.78
C THR A 342 -26.72 14.86 -21.57
N MSE A 343 -26.09 15.52 -22.54
CA MSE A 343 -24.64 15.64 -22.60
C MSE A 343 -24.02 14.27 -22.53
O MSE A 343 -24.45 13.35 -23.23
CB MSE A 343 -24.12 16.54 -21.49
N GLY A 344 -23.03 14.12 -21.66
CA GLY A 344 -22.33 12.85 -21.53
C GLY A 344 -21.39 12.63 -22.70
N ASP A 345 -20.52 11.65 -22.56
CA ASP A 345 -19.53 11.33 -23.58
C ASP A 345 -20.20 10.53 -24.68
N ALA A 346 -19.39 9.89 -25.53
CA ALA A 346 -19.95 9.03 -26.57
C ALA A 346 -20.78 9.81 -27.58
N LEU A 347 -20.09 10.37 -28.57
CA LEU A 347 -20.61 11.27 -29.59
C LEU A 347 -21.52 10.51 -30.54
N THR A 348 -22.01 9.36 -30.06
CA THR A 348 -22.53 8.23 -30.83
C THR A 348 -21.40 7.63 -31.62
N LEU A 349 -20.46 7.07 -30.86
CA LEU A 349 -19.53 6.09 -31.36
C LEU A 349 -20.34 4.89 -31.80
N ALA A 350 -19.79 4.10 -32.70
CA ALA A 350 -20.44 2.88 -33.17
C ALA A 350 -19.53 2.13 -34.11
N ASP A 351 -19.80 0.84 -34.26
CA ASP A 351 -19.15 0.05 -35.28
C ASP A 351 -20.03 -1.13 -35.68
N TRP A 352 -20.07 -1.43 -36.97
CA TRP A 352 -20.43 -2.76 -37.42
C TRP A 352 -19.50 -3.17 -38.55
N LEU A 353 -18.77 -4.25 -38.32
CA LEU A 353 -17.77 -4.77 -39.25
C LEU A 353 -17.12 -5.98 -38.59
N GLY A 354 -16.18 -6.60 -39.30
CA GLY A 354 -15.29 -7.56 -38.67
C GLY A 354 -14.32 -6.83 -37.75
N TYR A 355 -14.37 -5.49 -37.83
CA TYR A 355 -13.52 -4.61 -37.04
C TYR A 355 -14.19 -4.18 -35.72
N LYS A 356 -15.33 -4.80 -35.42
CA LYS A 356 -16.17 -4.42 -34.27
C LYS A 356 -15.41 -4.42 -32.93
N TYR A 357 -14.24 -5.05 -32.91
CA TYR A 357 -13.34 -4.98 -31.75
C TYR A 357 -13.16 -3.56 -31.23
N VAL A 358 -12.93 -2.63 -32.16
CA VAL A 358 -12.74 -1.21 -31.85
C VAL A 358 -13.83 -0.71 -30.93
N GLU A 359 -15.08 -0.96 -31.33
CA GLU A 359 -16.26 -0.52 -30.60
C GLU A 359 -16.20 -0.86 -29.11
N MSE A 360 -16.35 -2.15 -28.80
CA MSE A 360 -16.46 -2.60 -27.42
C MSE A 360 -15.19 -2.31 -26.64
O MSE A 360 -15.24 -1.76 -25.52
CB MSE A 360 -16.79 -4.11 -27.38
CG MSE A 360 -18.18 -4.46 -27.89
SE MSE A 360 -18.33 -4.47 -29.85
CE MSE A 360 -17.54 -6.21 -30.23
N SER A 361 -14.04 -2.65 -27.22
CA SER A 361 -12.75 -2.42 -26.56
C SER A 361 -12.59 -0.95 -26.14
N SER A 362 -12.44 -0.07 -27.14
CA SER A 362 -12.21 1.34 -26.88
C SER A 362 -13.27 1.95 -25.95
N LYS A 363 -14.53 1.70 -26.28
CA LYS A 363 -15.66 2.23 -25.51
C LYS A 363 -15.53 1.87 -24.04
N ASP A 364 -15.34 0.59 -23.74
CA ASP A 364 -15.26 0.17 -22.34
C ASP A 364 -13.94 0.54 -21.67
N THR A 365 -12.95 0.96 -22.45
CA THR A 365 -11.63 1.23 -21.88
C THR A 365 -11.36 2.70 -21.54
N GLU A 366 -11.35 3.55 -22.57
CA GLU A 366 -10.93 4.94 -22.33
C GLU A 366 -11.97 5.64 -21.46
N ASP A 367 -13.19 5.10 -21.45
CA ASP A 367 -14.21 5.51 -20.50
C ASP A 367 -13.79 5.19 -19.06
N HIS A 368 -13.21 4.00 -18.86
CA HIS A 368 -12.71 3.61 -17.55
C HIS A 368 -11.63 4.59 -17.07
N SER A 369 -10.66 4.85 -17.94
CA SER A 369 -9.62 5.81 -17.61
C SER A 369 -10.20 7.22 -17.38
N SER A 370 -11.32 7.51 -18.04
CA SER A 370 -12.04 8.76 -17.80
C SER A 370 -12.61 8.82 -16.39
N ILE A 371 -13.16 7.69 -15.94
CA ILE A 371 -13.75 7.62 -14.61
C ILE A 371 -12.71 7.72 -13.50
N ILE A 372 -11.68 6.89 -13.58
CA ILE A 372 -10.74 6.69 -12.47
C ILE A 372 -10.16 7.97 -11.87
N LYS A 373 -9.60 8.83 -12.71
CA LYS A 373 -8.90 10.03 -12.24
C LYS A 373 -9.82 10.98 -11.47
N ALA A 374 -11.12 10.91 -11.75
CA ALA A 374 -12.09 11.79 -11.12
C ALA A 374 -12.12 11.61 -9.61
N LEU A 375 -12.45 10.39 -9.15
CA LEU A 375 -12.49 10.14 -7.72
C LEU A 375 -13.41 11.14 -6.98
N ALA A 376 -12.88 11.97 -6.09
CA ALA A 376 -13.65 12.93 -5.31
C ALA A 376 -14.74 12.25 -4.47
N HIS A 377 -14.30 11.48 -3.47
CA HIS A 377 -15.19 10.83 -2.52
C HIS A 377 -16.26 9.99 -3.19
N ARG B 64 7.75 7.34 -5.30
CA ARG B 64 8.55 7.19 -4.08
C ARG B 64 10.00 7.56 -4.33
N LEU B 65 10.27 8.23 -5.44
CA LEU B 65 11.64 8.61 -5.78
C LEU B 65 11.79 10.11 -6.00
N LEU B 66 12.61 10.74 -5.16
CA LEU B 66 12.94 12.15 -5.29
C LEU B 66 14.46 12.31 -5.35
N VAL B 67 14.93 13.21 -6.21
CA VAL B 67 16.36 13.28 -6.54
C VAL B 67 16.82 14.72 -6.77
N VAL B 68 18.09 15.01 -6.42
CA VAL B 68 18.62 16.37 -6.55
C VAL B 68 20.04 16.43 -7.12
N GLY B 69 20.33 17.51 -7.85
CA GLY B 69 21.65 17.79 -8.39
C GLY B 69 21.56 19.03 -9.28
N SER B 70 22.68 19.68 -9.57
CA SER B 70 22.62 20.90 -10.37
C SER B 70 23.00 20.66 -11.83
N SER B 71 21.98 20.56 -12.67
CA SER B 71 22.06 20.42 -14.13
C SER B 71 22.83 19.16 -14.55
N GLY B 72 23.75 18.73 -13.69
CA GLY B 72 24.32 17.38 -13.64
C GLY B 72 24.53 16.74 -15.00
N VAL B 73 24.17 15.46 -15.04
CA VAL B 73 23.76 14.75 -16.24
C VAL B 73 22.87 13.64 -15.74
N GLY B 74 21.81 13.32 -16.47
CA GLY B 74 21.05 12.14 -16.12
C GLY B 74 19.72 12.26 -15.41
N LYS B 75 19.40 13.39 -14.79
CA LYS B 75 18.26 13.41 -13.87
C LYS B 75 16.94 13.24 -14.63
N THR B 76 16.58 14.23 -15.45
CA THR B 76 15.45 14.09 -16.34
C THR B 76 15.64 12.91 -17.29
N THR B 77 16.89 12.63 -17.66
CA THR B 77 17.23 11.38 -18.36
C THR B 77 17.13 10.06 -17.58
N LEU B 78 17.17 10.08 -16.25
CA LEU B 78 16.88 8.86 -15.50
C LEU B 78 15.36 8.68 -15.33
N CYS B 79 14.66 9.78 -15.06
CA CYS B 79 13.20 9.75 -15.13
C CYS B 79 12.78 9.27 -16.52
N ASP B 80 13.60 9.59 -17.51
CA ASP B 80 13.46 9.09 -18.86
C ASP B 80 13.81 7.61 -18.96
N CYS B 81 14.79 7.17 -18.15
CA CYS B 81 15.20 5.77 -18.14
C CYS B 81 14.04 4.91 -17.68
N PHE B 82 13.19 5.49 -16.83
CA PHE B 82 11.95 4.82 -16.47
C PHE B 82 10.87 4.96 -17.54
N PHE B 83 10.43 6.20 -17.75
CA PHE B 83 9.24 6.49 -18.54
C PHE B 83 9.51 6.68 -20.03
N GLU B 84 10.33 7.67 -20.39
CA GLU B 84 10.59 8.01 -21.79
C GLU B 84 11.02 6.81 -22.63
N SER B 85 11.52 5.77 -21.96
CA SER B 85 11.72 4.46 -22.58
C SER B 85 12.66 4.46 -23.80
N HIS B 86 13.95 4.64 -23.55
CA HIS B 86 14.94 4.51 -24.60
C HIS B 86 15.11 3.04 -24.99
N ASP B 101 11.64 -17.15 -8.82
CA ASP B 101 10.61 -16.19 -8.43
C ASP B 101 10.61 -14.97 -9.35
N ASN B 102 9.45 -14.34 -9.53
CA ASN B 102 9.35 -13.11 -10.30
C ASN B 102 8.48 -12.09 -9.57
N ASP B 103 9.08 -10.95 -9.22
CA ASP B 103 8.36 -9.89 -8.55
C ASP B 103 8.73 -8.52 -9.14
N PHE B 104 7.70 -7.72 -9.38
CA PHE B 104 7.89 -6.38 -9.94
C PHE B 104 7.18 -5.36 -9.06
N ILE B 105 7.50 -4.09 -9.26
CA ILE B 105 6.82 -3.02 -8.52
C ILE B 105 6.66 -1.78 -9.39
N ARG B 106 5.51 -1.12 -9.25
CA ARG B 106 5.24 0.12 -9.97
C ARG B 106 5.71 1.31 -9.14
N ILE B 107 6.71 2.01 -9.65
CA ILE B 107 7.27 3.15 -8.95
C ILE B 107 7.05 4.43 -9.74
N SER B 108 6.46 5.43 -9.09
CA SER B 108 6.36 6.75 -9.68
C SER B 108 7.56 7.56 -9.24
N ILE B 109 8.47 7.82 -10.17
CA ILE B 109 9.64 8.62 -9.84
C ILE B 109 9.36 10.07 -10.20
N SER B 110 9.22 10.89 -9.18
CA SER B 110 9.09 12.32 -9.39
C SER B 110 10.10 13.04 -8.52
N ASP B 111 11.11 13.63 -9.17
CA ASP B 111 12.06 14.48 -8.50
C ASP B 111 11.36 15.82 -8.28
N ILE B 112 10.13 15.86 -8.81
CA ILE B 112 9.38 17.05 -9.21
C ILE B 112 10.29 17.84 -10.15
N ALA B 113 11.15 17.08 -10.84
CA ALA B 113 12.27 17.63 -11.60
C ALA B 113 13.00 18.67 -10.76
N GLY B 114 13.24 19.84 -11.34
CA GLY B 114 13.81 20.94 -10.62
C GLY B 114 12.76 21.77 -9.90
N GLN B 115 13.15 22.37 -8.80
CA GLN B 115 12.29 23.31 -8.06
C GLN B 115 13.21 24.17 -7.20
N GLN B 116 12.67 25.18 -6.54
CA GLN B 116 13.46 25.83 -5.51
C GLN B 116 12.80 25.69 -4.15
N SER B 117 13.29 24.74 -3.37
CA SER B 117 12.98 24.59 -1.94
C SER B 117 11.51 24.84 -1.58
N PHE B 118 10.60 24.60 -2.53
CA PHE B 118 9.18 24.69 -2.27
C PHE B 118 8.71 23.36 -1.72
N TYR B 119 9.51 22.33 -2.00
CA TYR B 119 9.25 21.00 -1.49
C TYR B 119 9.72 20.90 -0.04
N ALA B 120 10.83 21.58 0.26
CA ALA B 120 11.45 21.56 1.59
C ALA B 120 10.47 21.92 2.71
N CYS B 121 9.57 22.86 2.44
CA CYS B 121 8.60 23.24 3.44
C CYS B 121 7.44 22.22 3.52
N ASP B 122 7.17 21.44 2.47
CA ASP B 122 6.22 20.34 2.59
C ASP B 122 6.90 19.08 3.15
N ASN B 123 8.19 19.01 2.84
CA ASN B 123 9.22 18.20 3.48
C ASN B 123 9.25 18.44 4.98
N PRO B 124 8.83 19.63 5.37
CA PRO B 124 8.46 19.98 6.74
C PRO B 124 7.03 19.51 7.03
N TYR B 125 6.14 19.63 6.04
CA TYR B 125 4.71 19.41 6.22
C TYR B 125 4.57 17.92 6.51
N ASP B 126 5.22 17.13 5.65
CA ASP B 126 5.24 15.67 5.75
C ASP B 126 6.25 15.20 6.80
N ALA B 130 13.23 7.97 -3.02
CA ALA B 130 13.13 8.97 -1.97
C ALA B 130 14.52 9.50 -1.60
N ILE B 131 14.74 10.79 -1.88
CA ILE B 131 15.95 11.50 -1.46
C ILE B 131 17.24 10.82 -1.90
N LEU B 132 17.56 10.90 -3.19
CA LEU B 132 18.88 10.50 -3.65
C LEU B 132 19.61 11.69 -4.26
N VAL B 133 20.92 11.76 -4.06
CA VAL B 133 21.71 12.87 -4.58
C VAL B 133 22.74 12.37 -5.59
N MSE B 134 22.91 13.09 -6.68
CA MSE B 134 23.76 12.62 -7.77
C MSE B 134 24.64 13.75 -8.33
O MSE B 134 24.23 14.91 -8.37
CB MSE B 134 22.89 11.99 -8.86
CG MSE B 134 23.49 11.90 -10.24
SE MSE B 134 22.23 11.09 -11.49
CE MSE B 134 21.38 12.72 -12.12
N TYR B 135 25.85 13.38 -8.74
CA TYR B 135 26.81 14.35 -9.26
C TYR B 135 27.45 13.85 -10.55
N ASP B 136 28.07 14.76 -11.29
CA ASP B 136 28.82 14.39 -12.48
C ASP B 136 30.29 14.22 -12.07
N ILE B 137 30.87 13.09 -12.47
CA ILE B 137 32.23 12.72 -12.07
C ILE B 137 33.28 13.47 -12.88
N THR B 138 32.84 14.16 -13.94
CA THR B 138 33.76 14.88 -14.82
C THR B 138 33.90 16.35 -14.45
N GLU B 139 33.16 16.78 -13.43
CA GLU B 139 33.31 18.12 -12.89
C GLU B 139 33.33 18.09 -11.35
N LEU B 140 34.27 18.81 -10.76
CA LEU B 140 34.42 18.84 -9.30
C LEU B 140 33.40 19.76 -8.63
N LYS B 141 32.86 20.70 -9.40
CA LYS B 141 31.88 21.64 -8.86
C LYS B 141 30.58 20.94 -8.45
N SER B 142 30.12 20.02 -9.29
CA SER B 142 28.93 19.22 -8.98
C SER B 142 29.19 18.35 -7.75
N PHE B 143 30.39 17.81 -7.66
CA PHE B 143 30.83 17.05 -6.50
C PHE B 143 30.70 17.88 -5.22
N THR B 144 31.48 18.97 -5.15
CA THR B 144 31.54 19.82 -3.96
C THR B 144 30.22 20.48 -3.57
N ASP B 145 29.41 20.83 -4.57
CA ASP B 145 28.15 21.53 -4.30
C ASP B 145 27.19 20.68 -3.47
N LEU B 146 27.48 19.38 -3.36
CA LEU B 146 26.76 18.52 -2.45
C LEU B 146 26.96 18.98 -1.00
N LYS B 147 28.23 19.13 -0.61
CA LYS B 147 28.54 19.59 0.74
C LYS B 147 28.25 21.08 0.91
N THR B 148 28.33 21.84 -0.18
CA THR B 148 28.08 23.29 -0.07
C THR B 148 26.59 23.62 0.05
N MSE B 149 25.74 22.94 -0.72
CA MSE B 149 24.31 23.24 -0.66
C MSE B 149 23.45 22.08 -0.19
O MSE B 149 23.01 22.07 0.96
CB MSE B 149 23.79 23.74 -2.01
CG MSE B 149 22.30 24.08 -2.01
SE MSE B 149 21.75 25.41 -3.31
CE MSE B 149 21.97 24.38 -4.95
N TRP B 150 23.22 21.10 -1.06
CA TRP B 150 22.11 20.14 -0.87
C TRP B 150 22.20 19.33 0.41
N LEU B 151 23.29 18.58 0.57
CA LEU B 151 23.42 17.68 1.71
C LEU B 151 23.17 18.36 3.06
N PRO B 152 23.67 19.60 3.26
CA PRO B 152 23.23 20.29 4.48
C PRO B 152 21.71 20.54 4.57
N ASP B 153 21.04 20.91 3.46
CA ASP B 153 19.60 21.19 3.54
C ASP B 153 18.83 19.91 3.83
N ILE B 154 19.25 18.83 3.17
CA ILE B 154 18.60 17.54 3.26
C ILE B 154 18.80 16.93 4.64
N PHE B 155 20.01 17.05 5.16
CA PHE B 155 20.30 16.67 6.53
C PHE B 155 19.39 17.45 7.47
N LEU B 156 19.38 18.77 7.28
CA LEU B 156 18.67 19.70 8.16
C LEU B 156 17.27 19.22 8.51
N TYR B 157 16.41 19.11 7.51
CA TYR B 157 15.09 18.53 7.70
C TYR B 157 14.77 17.50 6.60
N CYS B 158 14.59 16.24 7.00
CA CYS B 158 14.23 15.18 6.07
C CYS B 158 13.20 14.25 6.70
N ASN B 159 12.76 13.26 5.93
CA ASN B 159 11.71 12.36 6.37
C ASN B 159 12.25 11.21 7.22
N ILE B 160 11.38 10.25 7.49
CA ILE B 160 11.65 9.17 8.44
C ILE B 160 12.43 7.99 7.87
N ASP B 161 11.77 7.21 7.03
CA ASP B 161 12.34 5.97 6.48
C ASP B 161 13.10 6.24 5.19
N THR B 162 13.18 7.51 4.81
CA THR B 162 13.92 7.92 3.63
C THR B 162 15.42 7.75 3.86
N GLN B 163 16.05 6.98 2.98
CA GLN B 163 17.51 6.80 3.03
C GLN B 163 18.10 7.47 1.80
N ILE B 164 19.30 8.04 1.95
CA ILE B 164 19.83 8.88 0.88
C ILE B 164 21.03 8.20 0.23
N ILE B 165 21.18 8.41 -1.06
CA ILE B 165 22.24 7.76 -1.84
C ILE B 165 23.03 8.78 -2.64
N ILE B 166 24.36 8.69 -2.59
CA ILE B 166 25.20 9.52 -3.45
C ILE B 166 25.50 8.75 -4.73
N ILE B 167 25.15 9.35 -5.86
CA ILE B 167 25.31 8.68 -7.16
C ILE B 167 26.20 9.47 -8.11
N GLY B 168 27.33 8.87 -8.47
CA GLY B 168 28.16 9.42 -9.52
C GLY B 168 27.49 9.19 -10.86
N ASN B 169 27.73 10.08 -11.82
CA ASN B 169 27.18 9.91 -13.15
C ASN B 169 28.19 10.29 -14.23
N LYS B 170 27.72 10.26 -15.47
CA LYS B 170 28.53 10.59 -16.65
C LYS B 170 29.85 9.83 -16.66
N LYS B 171 29.75 8.51 -16.75
CA LYS B 171 30.91 7.66 -16.99
C LYS B 171 31.02 7.44 -18.50
N ASP B 172 30.16 8.14 -19.24
CA ASP B 172 30.24 8.15 -20.70
C ASP B 172 31.62 8.63 -21.11
N GLN B 173 31.97 9.82 -20.66
CA GLN B 173 33.27 10.39 -20.93
C GLN B 173 34.32 9.67 -20.10
N GLU B 174 33.86 8.98 -19.06
CA GLU B 174 34.68 8.03 -18.31
C GLU B 174 35.96 8.62 -17.75
N ILE B 175 37.09 8.14 -18.28
CA ILE B 175 38.42 8.36 -17.72
C ILE B 175 38.75 9.84 -17.47
N ASP B 176 37.98 10.75 -18.08
CA ASP B 176 38.21 12.18 -17.90
C ASP B 176 37.66 12.61 -16.54
N ARG B 177 37.11 11.65 -15.80
CA ARG B 177 36.65 11.86 -14.42
C ARG B 177 37.76 12.47 -13.56
N ILE B 178 37.43 13.57 -12.88
CA ILE B 178 38.34 14.20 -11.93
C ILE B 178 38.34 13.55 -10.56
N ILE B 179 37.15 13.23 -10.07
CA ILE B 179 37.01 12.81 -8.69
C ILE B 179 37.32 11.33 -8.55
N THR B 180 37.95 10.99 -7.44
CA THR B 180 38.34 9.62 -7.15
C THR B 180 37.13 8.77 -6.81
N ARG B 181 37.10 7.56 -7.35
CA ARG B 181 36.09 6.58 -6.98
C ARG B 181 36.11 6.37 -5.47
N LYS B 182 37.29 6.03 -4.96
CA LYS B 182 37.46 5.80 -3.52
C LYS B 182 37.14 7.02 -2.67
N GLU B 183 37.34 8.23 -3.21
CA GLU B 183 37.05 9.44 -2.44
C GLU B 183 35.55 9.70 -2.31
N ALA B 184 34.83 9.61 -3.42
CA ALA B 184 33.37 9.77 -3.39
C ALA B 184 32.75 8.65 -2.54
N GLU B 185 33.23 7.43 -2.79
CA GLU B 185 32.84 6.26 -2.02
C GLU B 185 33.03 6.48 -0.52
N GLN B 186 34.18 7.01 -0.15
CA GLN B 186 34.48 7.32 1.25
C GLN B 186 33.65 8.49 1.77
N PHE B 187 33.20 9.34 0.84
CA PHE B 187 32.40 10.51 1.19
C PHE B 187 30.99 10.07 1.56
N ALA B 188 30.49 9.05 0.86
CA ALA B 188 29.20 8.44 1.18
C ALA B 188 29.33 7.41 2.31
N GLN B 189 30.56 6.97 2.57
CA GLN B 189 30.83 6.06 3.69
C GLN B 189 30.88 6.82 5.01
N ASP B 190 31.39 8.05 4.96
CA ASP B 190 31.44 8.91 6.14
C ASP B 190 30.04 9.32 6.59
N ARG B 191 29.17 9.56 5.61
CA ARG B 191 27.83 10.08 5.89
C ARG B 191 26.78 8.97 6.01
N LEU B 192 27.24 7.72 5.97
CA LEU B 192 26.39 6.53 6.16
C LEU B 192 25.49 6.24 4.95
N CYS B 193 25.56 7.10 3.95
CA CYS B 193 24.73 6.99 2.76
C CYS B 193 25.19 5.89 1.81
N GLN B 194 24.25 5.34 1.04
CA GLN B 194 24.60 4.37 0.00
C GLN B 194 25.36 5.07 -1.12
N PHE B 195 26.11 4.31 -1.91
CA PHE B 195 26.88 4.90 -3.00
C PHE B 195 26.88 4.04 -4.27
N TYR B 196 26.50 4.67 -5.38
CA TYR B 196 26.50 4.00 -6.69
C TYR B 196 27.14 4.85 -7.77
N GLU B 197 27.76 4.18 -8.73
CA GLU B 197 28.43 4.82 -9.86
C GLU B 197 27.81 4.36 -11.17
N ILE B 198 27.13 5.28 -11.87
CA ILE B 198 26.39 4.94 -13.07
C ILE B 198 26.71 5.86 -14.23
N SER B 199 26.26 5.48 -15.43
CA SER B 199 26.47 6.30 -16.62
C SER B 199 25.14 6.63 -17.29
N THR B 200 25.05 7.86 -17.80
CA THR B 200 23.81 8.38 -18.38
C THR B 200 23.44 7.69 -19.70
N LYS B 201 24.43 7.54 -20.59
CA LYS B 201 24.19 6.97 -21.91
C LYS B 201 24.32 5.45 -21.92
N ASP B 202 24.79 4.88 -20.81
CA ASP B 202 24.94 3.44 -20.69
C ASP B 202 23.56 2.79 -20.56
N ASP B 203 23.52 1.47 -20.51
CA ASP B 203 22.28 0.73 -20.31
C ASP B 203 22.02 0.60 -18.82
N SER B 204 22.83 1.29 -18.02
CA SER B 204 22.59 1.42 -16.58
C SER B 204 21.36 2.32 -16.37
N CYS B 205 21.07 2.64 -15.10
CA CYS B 205 19.69 2.84 -14.67
C CYS B 205 19.05 1.52 -15.06
N GLN B 206 17.84 1.52 -15.63
CA GLN B 206 17.37 0.34 -16.35
C GLN B 206 17.54 -0.89 -15.47
N LEU B 207 18.57 -1.66 -15.81
CA LEU B 207 19.11 -2.70 -14.96
C LEU B 207 19.17 -2.30 -13.48
N LEU B 208 19.98 -1.29 -13.17
CA LEU B 208 20.39 -1.00 -11.79
C LEU B 208 19.31 -0.52 -10.80
N PHE B 209 18.29 0.23 -11.25
CA PHE B 209 17.37 0.83 -10.26
C PHE B 209 16.64 -0.22 -9.43
N ASP B 210 16.58 -1.45 -9.95
CA ASP B 210 16.00 -2.58 -9.23
C ASP B 210 16.59 -2.67 -7.82
N CYS B 211 17.91 -2.45 -7.73
CA CYS B 211 18.61 -2.43 -6.44
C CYS B 211 17.93 -1.47 -5.47
N ILE B 212 17.77 -0.22 -5.91
CA ILE B 212 17.16 0.81 -5.07
C ILE B 212 15.73 0.43 -4.69
N SER B 213 15.11 -0.40 -5.51
CA SER B 213 13.81 -0.97 -5.16
C SER B 213 13.96 -2.16 -4.21
N ARG B 214 14.86 -3.08 -4.56
CA ARG B 214 14.86 -4.40 -3.92
C ARG B 214 15.35 -4.36 -2.47
N ASP B 215 16.24 -3.41 -2.17
CA ASP B 215 16.68 -3.22 -0.79
C ASP B 215 15.46 -2.89 0.07
N PHE B 216 14.54 -2.11 -0.50
CA PHE B 216 13.31 -1.74 0.20
C PHE B 216 12.42 -2.95 0.43
N LEU B 217 12.52 -3.96 -0.43
CA LEU B 217 11.75 -5.17 -0.21
C LEU B 217 12.49 -5.97 0.86
N GLN B 218 13.82 -5.85 0.87
CA GLN B 218 14.66 -6.77 1.63
C GLN B 218 14.76 -6.41 3.11
N CYS B 219 15.53 -5.38 3.44
CA CYS B 219 15.78 -5.11 4.86
C CYS B 219 14.68 -4.29 5.52
N ASP B 220 13.63 -3.97 4.76
CA ASP B 220 12.43 -3.35 5.30
C ASP B 220 12.73 -2.07 6.07
N ILE B 221 12.43 -2.06 7.36
CA ILE B 221 12.60 -0.84 8.15
C ILE B 221 14.09 -0.57 8.39
N LYS B 222 14.40 0.58 8.97
CA LYS B 222 15.78 0.94 9.26
C LYS B 222 15.87 1.64 10.61
N ILE B 223 16.75 1.13 11.47
CA ILE B 223 16.97 1.71 12.78
C ILE B 223 18.48 1.71 13.04
N ARG B 224 18.98 2.74 13.71
CA ARG B 224 20.39 2.79 14.04
C ARG B 224 20.57 2.94 15.54
N MSE B 225 21.10 1.90 16.19
CA MSE B 225 21.34 1.95 17.62
C MSE B 225 22.72 2.51 17.92
O MSE B 225 23.69 2.20 17.24
CB MSE B 225 21.18 0.56 18.26
CG MSE B 225 22.23 -0.45 17.84
SE MSE B 225 22.35 -1.96 19.09
CE MSE B 225 20.45 -2.35 19.30
N LEU B 226 22.80 3.35 18.94
CA LEU B 226 24.08 3.88 19.38
C LEU B 226 24.66 2.97 20.46
N MSE B 227 25.90 2.51 20.26
CA MSE B 227 26.60 1.83 21.34
C MSE B 227 27.59 2.81 21.93
O MSE B 227 28.66 3.05 21.39
CB MSE B 227 27.30 0.58 20.83
N VAL B 228 27.24 3.34 23.11
CA VAL B 228 27.99 4.42 23.72
C VAL B 228 29.21 3.90 24.46
N GLY B 229 30.22 4.74 24.59
CA GLY B 229 31.44 4.37 25.29
C GLY B 229 32.20 5.63 25.71
N GLY B 234 32.54 -1.88 23.31
CA GLY B 234 31.37 -2.74 23.08
C GLY B 234 31.74 -3.93 22.20
N LYS B 235 33.00 -4.34 22.26
CA LYS B 235 33.52 -5.38 21.37
C LYS B 235 32.68 -6.64 21.38
N THR B 236 32.74 -7.40 22.47
CA THR B 236 32.06 -8.70 22.56
C THR B 236 30.54 -8.58 22.44
N THR B 237 30.01 -7.39 22.66
CA THR B 237 28.59 -7.13 22.39
C THR B 237 28.32 -6.84 20.91
N PHE B 238 29.11 -5.94 20.32
CA PHE B 238 28.86 -5.41 18.97
C PHE B 238 29.20 -6.43 17.89
N ILE B 239 29.90 -7.45 18.31
CA ILE B 239 30.25 -8.51 17.45
C ILE B 239 28.99 -9.26 17.21
N ARG B 240 28.93 -10.51 17.65
CA ARG B 240 27.74 -11.27 17.44
C ARG B 240 27.36 -11.02 16.02
N THR B 248 32.76 -9.67 11.31
CA THR B 248 33.72 -8.98 10.43
C THR B 248 34.70 -7.96 11.02
N GLY B 249 34.27 -7.11 11.94
CA GLY B 249 35.13 -6.05 12.46
C GLY B 249 34.75 -4.87 11.65
N HIS B 250 33.55 -4.96 11.13
CA HIS B 250 33.05 -3.99 10.23
C HIS B 250 33.77 -2.71 10.52
N ASP B 251 34.77 -2.77 11.34
CA ASP B 251 35.60 -1.58 11.48
C ASP B 251 35.13 -0.72 12.63
N PHE B 252 34.06 -1.17 13.29
CA PHE B 252 33.44 -0.40 14.36
C PHE B 252 33.09 0.97 13.81
N MSE B 253 32.88 1.01 12.49
CA MSE B 253 32.58 2.26 11.81
C MSE B 253 31.43 2.16 10.80
O MSE B 253 30.36 2.71 11.04
CB MSE B 253 33.83 2.76 11.11
N ASN B 254 31.66 1.46 9.68
CA ASN B 254 30.74 1.58 8.56
C ASN B 254 29.63 0.53 8.58
N ALA B 255 28.87 0.46 7.49
CA ALA B 255 27.62 -0.30 7.47
C ALA B 255 27.85 -1.76 7.85
N ILE B 256 27.18 -2.17 8.90
CA ILE B 256 27.22 -3.54 9.38
C ILE B 256 25.80 -4.02 9.67
N THR B 257 25.17 -3.35 10.63
CA THR B 257 23.82 -3.56 11.15
C THR B 257 23.50 -5.03 11.41
N THR B 258 22.23 -5.40 11.19
CA THR B 258 21.77 -6.77 11.29
C THR B 258 20.43 -6.82 10.54
N ARG B 259 20.03 -8.01 10.11
CA ARG B 259 18.76 -8.18 9.40
C ARG B 259 18.04 -9.40 9.93
N PHE B 260 16.81 -9.22 10.40
CA PHE B 260 16.03 -10.33 10.94
C PHE B 260 14.55 -9.98 10.96
N GLU B 261 13.75 -10.87 11.53
CA GLU B 261 12.32 -10.65 11.63
C GLU B 261 11.84 -10.55 13.07
N MSE B 262 11.19 -9.44 13.36
CA MSE B 262 10.50 -9.24 14.62
C MSE B 262 9.17 -9.98 14.61
O MSE B 262 8.63 -10.29 15.68
CB MSE B 262 10.28 -7.80 14.86
N GLU B 263 8.69 -10.22 13.39
CA GLU B 263 7.37 -10.77 13.05
C GLU B 263 6.33 -9.66 12.92
N LYS B 266 10.52 -7.21 10.63
CA LYS B 266 11.62 -7.25 9.66
C LYS B 266 12.44 -5.97 9.74
N TYR B 267 13.57 -6.02 10.44
CA TYR B 267 14.27 -4.79 10.79
C TYR B 267 15.71 -4.72 10.29
N GLU B 268 16.32 -3.56 10.48
CA GLU B 268 17.74 -3.35 10.25
C GLU B 268 18.27 -2.43 11.35
N ILE B 269 19.24 -2.91 12.12
CA ILE B 269 19.73 -2.16 13.28
C ILE B 269 21.21 -1.82 13.21
N ILE B 270 21.53 -0.55 13.00
CA ILE B 270 22.91 -0.13 12.73
C ILE B 270 23.60 0.36 14.01
N MSE B 271 24.86 -0.05 14.19
CA MSE B 271 25.62 0.29 15.39
C MSE B 271 26.79 1.23 15.08
O MSE B 271 27.76 0.84 14.44
CB MSE B 271 26.13 -0.98 16.06
N ILE B 272 26.67 2.47 15.57
CA ILE B 272 27.61 3.55 15.25
C ILE B 272 28.89 3.56 16.11
N ASP B 273 28.81 2.96 17.29
CA ASP B 273 29.82 3.14 18.35
C ASP B 273 29.94 4.62 18.74
N TRP B 274 31.17 5.06 19.00
CA TRP B 274 31.41 6.36 19.62
C TRP B 274 32.48 7.20 18.92
N GLY B 275 33.71 6.70 18.91
CA GLY B 275 34.83 7.41 18.29
C GLY B 275 34.54 7.78 16.85
N PHE B 276 33.62 7.04 16.23
CA PHE B 276 33.12 7.38 14.91
C PHE B 276 32.06 8.48 14.95
N TYR B 277 31.31 8.57 16.05
CA TYR B 277 30.24 9.57 16.19
C TYR B 277 30.76 11.00 16.07
N ASN B 278 31.98 11.21 16.57
CA ASN B 278 32.58 12.54 16.55
C ASN B 278 33.01 12.95 15.15
N LYS B 279 32.97 11.98 14.24
CA LYS B 279 33.15 12.25 12.82
C LYS B 279 31.81 12.80 12.33
N LEU B 280 30.74 12.23 12.91
CA LEU B 280 29.38 12.54 12.50
C LEU B 280 28.91 13.89 13.02
N LEU B 281 29.57 14.41 14.05
CA LEU B 281 29.31 15.82 14.41
C LEU B 281 29.56 16.71 13.21
N GLN B 282 30.83 16.80 12.83
CA GLN B 282 31.26 17.67 11.75
C GLN B 282 30.62 17.31 10.42
N THR B 283 30.75 16.04 10.03
CA THR B 283 30.25 15.60 8.72
C THR B 283 28.74 15.79 8.57
N ASN B 284 27.97 15.18 9.46
CA ASN B 284 26.51 15.27 9.39
C ASN B 284 25.90 15.87 10.66
N PRO B 285 25.81 17.21 10.72
CA PRO B 285 25.28 17.94 11.89
C PRO B 285 23.85 17.54 12.26
N ALA B 286 23.13 16.94 11.31
CA ALA B 286 21.74 16.54 11.55
C ALA B 286 21.61 15.08 11.98
N ILE B 287 22.75 14.42 12.19
CA ILE B 287 22.77 13.01 12.58
C ILE B 287 22.15 12.80 13.97
N SER B 288 21.95 13.88 14.72
CA SER B 288 21.32 13.78 16.03
C SER B 288 19.89 13.27 15.93
N ARG B 289 19.22 13.64 14.83
CA ARG B 289 17.86 13.18 14.58
C ARG B 289 17.85 11.71 14.19
N THR B 290 19.03 11.15 13.97
CA THR B 290 19.16 9.75 13.54
C THR B 290 19.44 8.77 14.69
N ILE B 291 19.52 9.26 15.92
CA ILE B 291 19.68 8.33 17.04
C ILE B 291 18.34 8.16 17.76
N GLU B 292 17.71 7.02 17.52
CA GLU B 292 16.44 6.69 18.14
C GLU B 292 16.61 5.73 19.32
N ALA B 293 17.85 5.27 19.51
CA ALA B 293 18.16 4.37 20.62
C ALA B 293 19.60 4.55 21.04
N ILE B 294 19.88 4.41 22.33
CA ILE B 294 21.24 4.58 22.84
C ILE B 294 21.58 3.44 23.80
N LEU B 295 22.74 2.83 23.58
CA LEU B 295 23.20 1.73 24.42
C LEU B 295 24.55 2.07 25.06
N ILE B 296 24.52 2.20 26.38
CA ILE B 296 25.71 2.53 27.17
C ILE B 296 26.20 1.27 27.88
N VAL B 297 27.51 1.16 28.05
CA VAL B 297 28.09 -0.03 28.66
C VAL B 297 29.10 0.32 29.75
N TYR B 298 29.06 -0.43 30.85
CA TYR B 298 29.96 -0.20 31.97
C TYR B 298 30.49 -1.53 32.51
N ASP B 299 31.69 -1.50 33.08
CA ASP B 299 32.35 -2.73 33.53
C ASP B 299 33.50 -2.42 34.48
N ILE B 300 34.31 -3.46 34.72
CA ILE B 300 35.55 -3.37 35.49
C ILE B 300 36.43 -2.30 34.85
N THR B 301 37.31 -1.72 35.69
CA THR B 301 37.78 -0.33 35.65
C THR B 301 36.54 0.56 35.80
N ASN B 302 36.44 1.68 35.11
CA ASN B 302 35.38 2.63 35.45
C ASN B 302 34.35 2.88 34.37
N GLU B 303 33.35 3.67 34.73
CA GLU B 303 32.31 4.08 33.80
C GLU B 303 32.55 5.54 33.40
N GLU B 304 31.68 6.08 32.55
CA GLU B 304 31.87 7.43 32.04
C GLU B 304 30.62 8.28 32.15
N SER B 305 30.73 9.39 32.86
CA SER B 305 29.67 10.39 32.92
C SER B 305 29.94 11.47 31.86
N PHE B 306 31.01 11.27 31.09
CA PHE B 306 31.37 12.17 30.01
C PHE B 306 30.53 11.91 28.77
N GLN B 307 30.33 10.64 28.45
CA GLN B 307 29.43 10.27 27.37
C GLN B 307 28.01 10.71 27.74
N ASN B 308 27.77 10.85 29.03
CA ASN B 308 26.50 11.34 29.55
C ASN B 308 26.28 12.81 29.20
N ILE B 309 27.31 13.65 29.39
CA ILE B 309 27.21 15.06 29.01
C ILE B 309 27.28 15.20 27.49
N HIS B 310 27.77 14.16 26.83
CA HIS B 310 27.82 14.13 25.37
C HIS B 310 26.41 13.94 24.81
N ARG B 311 25.82 12.78 25.09
CA ARG B 311 24.47 12.48 24.63
C ARG B 311 23.40 13.29 25.37
N LYS B 312 23.84 14.06 26.37
CA LYS B 312 22.95 14.86 27.21
C LYS B 312 21.96 15.66 26.40
N TYR B 313 22.43 16.68 25.71
CA TYR B 313 21.59 17.32 24.73
C TYR B 313 22.21 17.27 23.34
N TYR B 314 21.68 16.38 22.52
CA TYR B 314 21.97 16.25 21.10
C TYR B 314 20.62 16.16 20.41
N PRO B 315 19.97 15.01 20.54
CA PRO B 315 18.52 14.93 20.46
C PRO B 315 17.99 14.00 21.57
N LEU B 316 17.30 14.58 22.54
CA LEU B 316 16.62 13.84 23.60
C LEU B 316 17.48 12.73 24.23
N ILE B 317 16.85 11.60 24.53
CA ILE B 317 17.55 10.36 24.88
C ILE B 317 16.95 9.21 24.07
N ASN B 318 15.66 8.97 24.28
CA ASN B 318 14.91 7.99 23.48
C ASN B 318 15.44 6.56 23.60
N ASN B 319 15.08 5.91 24.71
CA ASN B 319 15.48 4.52 25.00
C ASN B 319 16.98 4.29 25.19
N LYS B 320 17.47 4.77 26.32
CA LYS B 320 18.77 4.38 26.85
C LYS B 320 18.75 2.90 27.24
N PHE B 321 19.92 2.27 27.33
CA PHE B 321 20.06 0.97 27.97
C PHE B 321 21.43 0.86 28.65
N SER B 322 21.47 0.41 29.91
CA SER B 322 22.75 0.19 30.59
C SER B 322 22.96 -1.29 30.89
N ASP B 323 23.87 -1.92 30.16
CA ASP B 323 23.98 -3.38 30.19
C ASP B 323 24.96 -4.01 31.19
N VAL B 324 25.90 -3.25 31.74
CA VAL B 324 26.98 -3.82 32.57
C VAL B 324 27.67 -4.97 31.83
N ALA B 325 27.46 -6.18 32.35
CA ALA B 325 27.65 -7.40 31.57
C ALA B 325 29.05 -7.79 31.11
N GLY B 326 29.88 -8.28 32.01
CA GLY B 326 31.04 -9.04 31.57
C GLY B 326 31.62 -10.07 32.55
N VAL B 327 32.21 -11.11 31.95
CA VAL B 327 32.98 -12.17 32.63
C VAL B 327 32.30 -12.63 33.94
N ILE B 328 33.08 -12.83 35.00
CA ILE B 328 32.58 -12.98 36.37
C ILE B 328 33.65 -12.37 37.26
N VAL B 329 33.26 -11.62 38.28
CA VAL B 329 34.19 -10.66 38.84
C VAL B 329 34.21 -10.68 40.39
N GLY B 330 35.34 -10.28 40.98
CA GLY B 330 35.42 -10.03 42.41
C GLY B 330 35.38 -8.54 42.73
N TYR B 331 35.55 -7.71 41.70
CA TYR B 331 35.51 -6.25 41.83
C TYR B 331 34.08 -5.73 41.68
N LYS B 332 33.14 -6.66 41.58
CA LYS B 332 31.78 -6.37 41.19
C LYS B 332 31.07 -5.31 42.02
N THR B 333 30.52 -4.31 41.33
CA THR B 333 29.64 -3.33 41.95
C THR B 333 28.36 -3.21 41.13
N ASP B 334 27.25 -3.67 41.70
CA ASP B 334 25.96 -3.64 41.03
C ASP B 334 25.16 -2.39 41.38
N LEU B 335 25.83 -1.46 42.07
CA LEU B 335 25.20 -0.22 42.52
C LEU B 335 24.67 0.62 41.35
N GLU B 336 25.00 0.22 40.13
CA GLU B 336 24.36 0.78 38.95
C GLU B 336 22.88 0.38 38.90
N ALA B 337 22.48 -0.55 39.76
CA ALA B 337 21.07 -0.86 39.97
C ALA B 337 20.45 0.19 40.88
N GLN B 338 21.29 0.96 41.55
CA GLN B 338 20.85 2.13 42.29
C GLN B 338 20.86 3.34 41.36
N ARG B 339 21.45 3.16 40.19
CA ARG B 339 21.39 4.16 39.13
C ARG B 339 20.20 3.86 38.23
N LYS B 340 19.54 2.73 38.50
CA LYS B 340 18.45 2.21 37.68
C LYS B 340 17.21 3.11 37.67
N ILE B 341 17.08 3.96 38.68
CA ILE B 341 15.95 4.88 38.76
C ILE B 341 15.89 5.79 37.54
N THR B 342 16.98 6.49 37.26
CA THR B 342 17.05 7.36 36.10
C THR B 342 17.58 6.61 34.88
N MSE B 343 17.90 5.33 35.06
CA MSE B 343 18.35 4.49 33.97
C MSE B 343 17.23 3.68 33.31
O MSE B 343 16.05 3.92 33.56
CB MSE B 343 19.48 3.56 34.42
CG MSE B 343 20.57 3.38 33.38
SE MSE B 343 21.72 4.94 33.16
CE MSE B 343 22.36 5.12 34.98
N GLY B 344 17.63 2.74 32.48
CA GLY B 344 16.77 2.16 31.44
C GLY B 344 15.81 1.08 31.89
N ASP B 345 15.21 0.44 30.88
CA ASP B 345 14.36 -0.73 31.02
C ASP B 345 15.08 -1.80 31.82
N ALA B 346 16.39 -1.87 31.60
CA ALA B 346 17.29 -2.67 32.42
C ALA B 346 18.53 -1.83 32.73
N LEU B 347 19.00 -1.90 33.96
CA LEU B 347 20.20 -1.18 34.37
C LEU B 347 21.15 -2.13 35.06
N THR B 348 22.46 -1.93 34.83
CA THR B 348 23.50 -2.92 35.09
C THR B 348 22.90 -4.27 34.72
N LEU B 349 22.57 -4.40 33.45
CA LEU B 349 21.63 -5.40 32.99
C LEU B 349 22.28 -6.76 32.89
N ALA B 350 21.58 -7.64 32.18
CA ALA B 350 22.04 -9.00 31.96
C ALA B 350 23.27 -8.99 31.08
N ASP B 351 23.71 -10.17 30.67
CA ASP B 351 25.01 -10.37 30.04
C ASP B 351 25.19 -9.71 28.67
N TRP B 352 26.44 -9.46 28.33
CA TRP B 352 26.84 -9.06 27.00
C TRP B 352 27.14 -10.34 26.28
N LEU B 353 27.23 -11.38 27.08
CA LEU B 353 27.56 -12.67 26.59
C LEU B 353 26.90 -13.85 27.27
N GLY B 354 27.38 -14.15 28.46
CA GLY B 354 27.04 -15.37 29.15
C GLY B 354 27.42 -16.58 28.32
N TYR B 355 28.06 -16.36 27.16
CA TYR B 355 27.96 -17.28 26.03
C TYR B 355 26.48 -17.38 25.66
N LYS B 356 25.89 -18.52 25.99
CA LYS B 356 24.51 -18.83 25.63
C LYS B 356 23.51 -17.70 25.86
N TYR B 357 23.74 -16.85 26.87
CA TYR B 357 22.74 -15.86 27.30
C TYR B 357 22.24 -14.99 26.14
N VAL B 358 22.94 -15.09 25.00
CA VAL B 358 22.53 -14.47 23.75
C VAL B 358 21.09 -14.84 23.35
N GLU B 359 20.54 -15.91 23.95
CA GLU B 359 19.14 -16.26 23.77
C GLU B 359 18.29 -15.02 23.92
N MSE B 360 18.53 -14.28 25.00
CA MSE B 360 17.81 -13.05 25.25
C MSE B 360 18.40 -11.91 24.42
O MSE B 360 17.66 -11.05 23.92
CB MSE B 360 17.84 -12.70 26.72
N SER B 361 19.72 -11.92 24.24
CA SER B 361 20.46 -10.78 23.69
C SER B 361 19.83 -10.26 22.42
N SER B 362 19.67 -11.15 21.43
CA SER B 362 18.99 -10.80 20.20
C SER B 362 17.74 -10.03 20.55
N LYS B 363 16.78 -10.73 21.15
CA LYS B 363 15.44 -10.20 21.34
C LYS B 363 15.50 -8.77 21.87
N ASP B 364 16.55 -8.48 22.65
CA ASP B 364 16.69 -7.18 23.29
C ASP B 364 16.43 -6.10 22.26
N THR B 365 17.36 -5.82 21.33
CA THR B 365 16.99 -5.49 19.94
C THR B 365 15.52 -5.08 19.80
N GLU B 366 14.84 -6.03 19.16
CA GLU B 366 13.45 -5.91 18.77
C GLU B 366 12.55 -5.35 19.84
N ASP B 367 12.80 -5.72 21.11
CA ASP B 367 11.99 -5.18 22.20
C ASP B 367 11.85 -3.68 22.04
N HIS B 368 12.95 -2.93 22.12
CA HIS B 368 12.83 -1.48 22.04
C HIS B 368 12.42 -1.05 20.63
N SER B 369 12.73 -1.89 19.65
CA SER B 369 12.30 -1.63 18.27
C SER B 369 10.79 -1.45 18.26
N SER B 370 10.10 -2.32 19.00
CA SER B 370 8.63 -2.28 19.09
C SER B 370 8.15 -0.90 19.52
N ILE B 371 8.87 -0.30 20.46
CA ILE B 371 8.56 1.06 20.89
C ILE B 371 8.73 2.01 19.71
N ILE B 372 9.90 1.96 19.08
CA ILE B 372 10.22 2.86 17.98
C ILE B 372 9.70 2.32 16.65
N LYS B 373 8.99 1.19 16.71
CA LYS B 373 8.19 0.73 15.58
C LYS B 373 7.08 1.74 15.34
N ALA B 374 6.81 2.54 16.36
CA ALA B 374 5.88 3.65 16.27
C ALA B 374 6.60 4.96 16.59
N LEU B 375 6.83 5.19 17.89
CA LEU B 375 7.56 6.36 18.38
C LEU B 375 7.94 6.16 19.84
N ALA B 376 8.64 7.13 20.42
CA ALA B 376 9.05 7.03 21.82
C ALA B 376 9.07 8.41 22.49
PB GDP C . -21.81 -14.19 18.19
O1B GDP C . -21.24 -14.53 19.54
O2B GDP C . -23.31 -14.36 18.23
O3B GDP C . -21.52 -12.75 17.86
O3A GDP C . -21.18 -15.18 17.08
PA GDP C . -21.34 -16.78 17.27
O1A GDP C . -22.69 -17.09 17.88
O2A GDP C . -21.18 -17.51 15.96
O5' GDP C . -20.12 -17.18 18.24
C5' GDP C . -20.25 -18.16 19.28
C4' GDP C . -20.93 -19.44 18.81
O4' GDP C . -20.62 -19.80 17.46
C3' GDP C . -20.54 -20.65 19.66
O3' GDP C . -21.62 -20.97 20.54
C2' GDP C . -20.32 -21.78 18.67
O2' GDP C . -21.06 -22.94 19.04
C1' GDP C . -20.79 -21.21 17.34
N9 GDP C . -20.06 -21.82 16.19
C8 GDP C . -18.90 -21.41 15.65
N7 GDP C . -18.53 -22.18 14.60
C5 GDP C . -19.47 -23.13 14.46
C6 GDP C . -19.72 -24.29 13.57
O6 GDP C . -18.92 -24.59 12.64
N1 GDP C . -20.82 -25.02 13.75
C2 GDP C . -21.70 -24.75 14.73
N2 GDP C . -22.79 -25.53 14.87
N3 GDP C . -21.55 -23.71 15.58
C4 GDP C . -20.48 -22.89 15.50
PB GDP D . 18.26 17.79 -15.97
O1B GDP D . 17.69 16.48 -15.48
O2B GDP D . 17.14 18.77 -16.23
O3B GDP D . 19.19 18.36 -14.92
O3A GDP D . 19.07 17.51 -17.31
PA GDP D . 20.26 16.42 -17.30
O1A GDP D . 20.79 16.20 -15.90
O2A GDP D . 19.82 15.12 -17.93
O5' GDP D . 21.34 17.16 -18.23
C5' GDP D . 21.21 18.57 -18.44
C4' GDP D . 22.53 19.09 -18.97
O4' GDP D . 23.44 18.00 -19.03
C3' GDP D . 22.37 19.63 -20.39
O3' GDP D . 23.00 20.92 -20.47
C2' GDP D . 23.08 18.64 -21.29
O2' GDP D . 23.95 19.32 -22.19
C1' GDP D . 23.88 17.74 -20.37
N9 GDP D . 23.63 16.31 -20.69
C8 GDP D . 22.44 15.70 -20.74
N7 GDP D . 22.58 14.38 -21.06
C5 GDP D . 23.90 14.13 -21.21
C6 GDP D . 24.73 12.97 -21.55
O6 GDP D . 24.23 11.85 -21.77
N1 GDP D . 26.06 13.14 -21.61
C2 GDP D . 26.64 14.33 -21.37
N2 GDP D . 28.00 14.42 -21.45
N3 GDP D . 25.94 15.44 -21.06
C4 GDP D . 24.58 15.41 -20.96
#